data_7BXV
#
_entry.id   7BXV
#
_cell.length_a   40.639
_cell.length_b   123.774
_cell.length_c   45.692
_cell.angle_alpha   90.000
_cell.angle_beta   99.743
_cell.angle_gamma   90.000
#
_symmetry.space_group_name_H-M   'P 1 21 1'
#
loop_
_entity.id
_entity.type
_entity.pdbx_description
1 polymer 'Fab of the 11A1 antibody L chain'
2 polymer 'Fab of the 11A1 antibody H chain'
3 polymer TYR-GLU-VAL-HIS-HIS
4 non-polymer 1,2-ETHANEDIOL
5 water water
#
loop_
_entity_poly.entity_id
_entity_poly.type
_entity_poly.pdbx_seq_one_letter_code
_entity_poly.pdbx_strand_id
1 'polypeptide(L)'
;DVVMTQTPLSLTVSLGDQASISCRSSQSLVHSNGNAYLHWYLQKPGQSPKVLIYKVSNRFSGVPDRFSGSGSGTDFTLKI
SRVEAEDLGVYFCSQSTHVPYTFGGGTKLEIKRADAAPTVSIFPPSSEQLTSGGASVVCFLNNFYPKDINVKWKIDGSER
QNGVLNSWTDQDSKDSTYSMSSTLTLTKDEYERHNSYTCEATHKTSTSPIVKSFNRN
;
L
2 'polypeptide(L)'
;LIQLVQSGPEVKKPGETVKISCTASGYTFTNYVIHWVKQAPGKGLKWMGWIYTDTGEPTYADDFKGRFAFSLETSANTAY
LQINNLKNEDMTTYFCAREAYPNYFDYWGHGTTLTVSSAKTTPPSVYPLAPGSAAQTNSMVTLGCLVKGYFPEPVTVTWN
SGSLSSGVHTFPAVLQSDLYTLSSSVTVPSSTWPSETVTCNVAHPASSTKVDKKIVPR
;
H
3 'polypeptide(L)' YEVHH A
#
# COMPACT_ATOMS: atom_id res chain seq x y z
N ASP A 1 4.81 -26.93 -7.75
CA ASP A 1 5.52 -25.95 -6.87
C ASP A 1 5.29 -26.36 -5.41
N VAL A 2 6.23 -26.04 -4.52
CA VAL A 2 6.01 -26.29 -3.06
C VAL A 2 5.10 -25.21 -2.51
N VAL A 3 3.92 -25.61 -2.04
CA VAL A 3 2.88 -24.66 -1.54
C VAL A 3 3.18 -24.36 -0.07
N MET A 4 3.24 -23.07 0.24
CA MET A 4 3.48 -22.58 1.63
C MET A 4 2.18 -22.00 2.20
N THR A 5 1.66 -22.65 3.23
CA THR A 5 0.38 -22.27 3.88
C THR A 5 0.67 -21.61 5.22
N GLN A 6 0.29 -20.32 5.36
CA GLN A 6 0.44 -19.57 6.63
C GLN A 6 -0.90 -19.52 7.38
N THR A 7 -0.78 -19.54 8.69
CA THR A 7 -1.91 -19.40 9.66
C THR A 7 -1.39 -18.62 10.85
N PRO A 8 -2.15 -17.65 11.40
CA PRO A 8 -3.42 -17.21 10.82
C PRO A 8 -3.21 -16.26 9.64
N LEU A 9 -4.28 -15.85 8.94
CA LEU A 9 -4.17 -14.82 7.87
C LEU A 9 -3.93 -13.45 8.53
N SER A 10 -4.46 -13.25 9.74
CA SER A 10 -4.28 -12.00 10.51
C SER A 10 -4.19 -12.32 12.01
N LEU A 11 -3.42 -11.52 12.74
CA LEU A 11 -3.42 -11.64 14.22
C LEU A 11 -3.29 -10.24 14.81
N THR A 12 -3.95 -10.05 15.95
CA THR A 12 -3.96 -8.78 16.70
C THR A 12 -3.22 -9.00 18.02
N VAL A 13 -2.17 -8.23 18.25
CA VAL A 13 -1.30 -8.41 19.44
C VAL A 13 -1.13 -7.07 20.14
N SER A 14 -1.22 -7.07 21.47
CA SER A 14 -0.94 -5.86 22.29
C SER A 14 0.58 -5.62 22.34
N LEU A 15 0.97 -4.36 22.46
CA LEU A 15 2.38 -3.99 22.72
C LEU A 15 2.91 -4.81 23.90
N GLY A 16 4.12 -5.35 23.75
CA GLY A 16 4.81 -6.15 24.78
C GLY A 16 4.39 -7.61 24.79
N ASP A 17 3.32 -7.98 24.08
CA ASP A 17 2.83 -9.38 24.05
C ASP A 17 3.54 -10.15 22.94
N GLN A 18 3.31 -11.46 22.88
CA GLN A 18 4.01 -12.37 21.93
C GLN A 18 3.05 -12.73 20.80
N ALA A 19 3.57 -12.71 19.57
CA ALA A 19 2.86 -13.14 18.34
C ALA A 19 3.49 -14.45 17.85
N SER A 20 2.67 -15.36 17.33
CA SER A 20 3.15 -16.66 16.79
C SER A 20 2.46 -16.92 15.46
N ILE A 21 3.29 -17.15 14.43
CA ILE A 21 2.80 -17.34 13.03
C ILE A 21 3.30 -18.70 12.57
N SER A 22 2.40 -19.47 11.94
CA SER A 22 2.68 -20.86 11.49
C SER A 22 2.80 -20.89 9.97
N CYS A 23 3.75 -21.70 9.48
CA CYS A 23 3.98 -21.91 8.03
C CYS A 23 4.14 -23.41 7.78
N ARG A 24 3.29 -23.98 6.93
CA ARG A 24 3.32 -25.42 6.56
C ARG A 24 3.62 -25.56 5.07
N SER A 25 4.58 -26.43 4.72
CA SER A 25 5.03 -26.63 3.33
C SER A 25 4.40 -27.92 2.78
N SER A 26 4.12 -27.95 1.49
CA SER A 26 3.48 -29.13 0.81
C SER A 26 4.50 -30.25 0.62
N GLN A 27 5.80 -29.95 0.71
CA GLN A 27 6.90 -30.93 0.67
C GLN A 27 7.88 -30.59 1.79
N SER A 28 8.65 -31.58 2.27
CA SER A 28 9.71 -31.32 3.26
C SER A 28 10.62 -30.22 2.72
N LEU A 29 11.03 -29.28 3.57
CA LEU A 29 12.01 -28.22 3.17
C LEU A 29 13.42 -28.67 3.57
N VAL A 30 13.58 -29.91 4.06
CA VAL A 30 14.93 -30.41 4.40
C VAL A 30 15.67 -30.71 3.09
N HIS A 31 16.67 -29.88 2.78
CA HIS A 31 17.51 -30.01 1.56
C HIS A 31 18.34 -31.29 1.71
N SER A 32 18.89 -31.81 0.61
CA SER A 32 19.80 -32.98 0.66
C SER A 32 20.99 -32.66 1.58
N ASN A 33 21.31 -31.38 1.83
CA ASN A 33 22.48 -31.03 2.67
C ASN A 33 22.08 -30.99 4.15
N GLY A 34 20.83 -31.34 4.47
CA GLY A 34 20.36 -31.52 5.86
C GLY A 34 19.78 -30.24 6.47
N ASN A 35 19.90 -29.10 5.79
CA ASN A 35 19.36 -27.82 6.30
C ASN A 35 17.99 -27.55 5.67
N ALA A 36 17.13 -26.78 6.34
CA ALA A 36 15.87 -26.32 5.74
C ALA A 36 15.99 -24.84 5.38
N TYR A 37 15.83 -24.51 4.10
CA TYR A 37 15.99 -23.13 3.58
C TYR A 37 14.62 -22.44 3.66
N LEU A 38 14.16 -22.29 4.90
CA LEU A 38 12.86 -21.64 5.26
C LEU A 38 13.17 -20.29 5.92
N HIS A 39 12.66 -19.21 5.33
CA HIS A 39 13.00 -17.84 5.78
C HIS A 39 11.71 -17.08 6.07
N TRP A 40 11.86 -16.02 6.87
CA TRP A 40 10.74 -15.11 7.23
C TRP A 40 11.12 -13.69 6.82
N TYR A 41 10.17 -13.02 6.15
CA TYR A 41 10.29 -11.60 5.77
C TYR A 41 9.12 -10.82 6.37
N LEU A 42 9.37 -9.54 6.64
CA LEU A 42 8.31 -8.57 6.99
C LEU A 42 8.21 -7.54 5.86
N GLN A 43 7.00 -7.32 5.37
CA GLN A 43 6.74 -6.23 4.39
C GLN A 43 5.82 -5.20 5.07
N LYS A 44 6.39 -4.03 5.35
CA LYS A 44 5.61 -2.88 5.87
C LYS A 44 4.86 -2.22 4.72
N PRO A 45 3.70 -1.58 5.01
CA PRO A 45 2.93 -0.93 3.96
C PRO A 45 3.81 0.02 3.13
N GLY A 46 3.76 -0.14 1.81
CA GLY A 46 4.41 0.72 0.81
C GLY A 46 5.88 0.40 0.64
N GLN A 47 6.41 -0.58 1.41
CA GLN A 47 7.86 -0.88 1.39
C GLN A 47 8.09 -2.24 0.70
N SER A 48 9.35 -2.52 0.37
CA SER A 48 9.79 -3.88 -0.03
C SER A 48 9.91 -4.77 1.20
N PRO A 49 9.76 -6.10 1.02
CA PRO A 49 9.97 -7.03 2.12
C PRO A 49 11.41 -6.94 2.63
N LYS A 50 11.60 -7.28 3.91
CA LYS A 50 12.93 -7.34 4.56
C LYS A 50 13.04 -8.64 5.35
N VAL A 51 14.20 -9.28 5.23
CA VAL A 51 14.42 -10.59 5.91
C VAL A 51 14.57 -10.34 7.40
N LEU A 52 13.96 -11.23 8.19
CA LEU A 52 14.12 -11.30 9.66
C LEU A 52 14.94 -12.53 10.02
N ILE A 53 14.52 -13.68 9.51
CA ILE A 53 15.01 -15.04 9.91
C ILE A 53 15.34 -15.79 8.63
N TYR A 54 16.49 -16.46 8.58
CA TYR A 54 16.80 -17.33 7.43
C TYR A 54 17.23 -18.71 7.96
N LYS A 55 17.01 -19.73 7.13
CA LYS A 55 17.33 -21.15 7.46
C LYS A 55 16.76 -21.45 8.85
N VAL A 56 15.44 -21.24 8.98
CA VAL A 56 14.58 -21.64 10.13
C VAL A 56 14.78 -20.67 11.30
N SER A 57 16.02 -20.45 11.75
CA SER A 57 16.26 -19.87 13.10
C SER A 57 17.40 -18.83 13.08
N ASN A 58 18.03 -18.57 11.94
CA ASN A 58 19.18 -17.61 11.91
C ASN A 58 18.66 -16.18 11.83
N ARG A 59 19.05 -15.33 12.78
CA ARG A 59 18.65 -13.90 12.75
C ARG A 59 19.54 -13.17 11.75
N PHE A 60 18.93 -12.40 10.85
CA PHE A 60 19.67 -11.49 9.96
C PHE A 60 20.30 -10.38 10.81
N SER A 61 21.46 -9.86 10.37
CA SER A 61 22.19 -8.80 11.09
C SER A 61 21.24 -7.64 11.41
N GLY A 62 21.17 -7.26 12.70
CA GLY A 62 20.43 -6.08 13.18
C GLY A 62 18.99 -6.41 13.51
N VAL A 63 18.56 -7.64 13.25
CA VAL A 63 17.22 -8.14 13.67
C VAL A 63 17.26 -8.40 15.17
N PRO A 64 16.37 -7.74 15.95
CA PRO A 64 16.29 -7.94 17.39
C PRO A 64 16.17 -9.42 17.78
N ASP A 65 16.66 -9.77 18.97
CA ASP A 65 16.63 -11.16 19.52
C ASP A 65 15.20 -11.60 19.86
N ARG A 66 14.23 -10.69 19.90
CA ARG A 66 12.83 -11.08 20.25
C ARG A 66 12.16 -11.74 19.04
N PHE A 67 12.79 -11.73 17.86
CA PHE A 67 12.33 -12.54 16.71
C PHE A 67 13.05 -13.90 16.75
N SER A 68 12.31 -14.99 16.78
CA SER A 68 12.91 -16.35 16.78
C SER A 68 12.09 -17.29 15.89
N GLY A 69 12.82 -18.12 15.14
CA GLY A 69 12.18 -19.09 14.23
C GLY A 69 12.50 -20.48 14.72
N SER A 70 11.57 -21.41 14.51
CA SER A 70 11.80 -22.82 14.85
C SER A 70 11.06 -23.69 13.83
N GLY A 71 11.24 -24.99 13.96
CA GLY A 71 10.49 -25.97 13.17
C GLY A 71 11.43 -26.85 12.39
N SER A 72 10.85 -27.79 11.66
CA SER A 72 11.61 -28.78 10.84
C SER A 72 10.63 -29.46 9.89
N GLY A 73 11.15 -30.05 8.83
CA GLY A 73 10.35 -30.84 7.88
C GLY A 73 9.38 -29.93 7.13
N THR A 74 8.09 -29.97 7.51
CA THR A 74 7.02 -29.25 6.79
C THR A 74 6.38 -28.18 7.70
N ASP A 75 6.83 -28.07 8.96
CA ASP A 75 6.10 -27.23 9.96
C ASP A 75 7.07 -26.27 10.63
N PHE A 76 6.82 -24.96 10.47
CA PHE A 76 7.71 -23.88 10.96
C PHE A 76 6.87 -22.81 11.64
N THR A 77 7.50 -22.13 12.61
CA THR A 77 6.84 -21.09 13.43
C THR A 77 7.79 -19.89 13.57
N LEU A 78 7.26 -18.69 13.37
CA LEU A 78 7.96 -17.44 13.77
C LEU A 78 7.33 -16.93 15.08
N LYS A 79 8.15 -16.70 16.10
CA LYS A 79 7.66 -16.06 17.36
C LYS A 79 8.22 -14.64 17.44
N ILE A 80 7.33 -13.68 17.65
CA ILE A 80 7.76 -12.28 17.92
C ILE A 80 7.42 -11.94 19.37
N SER A 81 8.43 -11.98 20.23
CA SER A 81 8.28 -11.63 21.66
C SER A 81 8.28 -10.09 21.80
N ARG A 82 7.64 -9.59 22.85
CA ARG A 82 7.69 -8.15 23.20
C ARG A 82 7.30 -7.30 21.99
N VAL A 83 6.14 -7.55 21.40
CA VAL A 83 5.73 -6.91 20.12
C VAL A 83 5.81 -5.38 20.29
N GLU A 84 6.36 -4.71 19.27
CA GLU A 84 6.49 -3.24 19.24
C GLU A 84 5.70 -2.74 18.03
N ALA A 85 5.19 -1.50 18.11
CA ALA A 85 4.27 -0.93 17.09
C ALA A 85 4.87 -1.10 15.70
N GLU A 86 6.19 -0.97 15.58
CA GLU A 86 6.82 -0.91 14.23
C GLU A 86 6.97 -2.32 13.67
N ASP A 87 6.52 -3.33 14.42
CA ASP A 87 6.39 -4.75 13.95
C ASP A 87 5.21 -4.91 12.99
N LEU A 88 4.31 -3.92 12.87
CA LEU A 88 3.06 -4.15 12.09
C LEU A 88 3.38 -4.26 10.60
N GLY A 89 2.58 -5.07 9.91
CA GLY A 89 2.66 -5.25 8.45
C GLY A 89 2.42 -6.70 8.12
N VAL A 90 2.98 -7.17 7.01
CA VAL A 90 2.68 -8.54 6.51
C VAL A 90 3.95 -9.39 6.59
N TYR A 91 3.85 -10.48 7.34
CA TYR A 91 4.93 -11.48 7.51
C TYR A 91 4.74 -12.59 6.48
N PHE A 92 5.82 -12.94 5.79
CA PHE A 92 5.82 -14.01 4.77
C PHE A 92 6.83 -15.05 5.23
N CYS A 93 6.45 -16.33 5.15
CA CYS A 93 7.45 -17.41 5.10
C CYS A 93 7.78 -17.69 3.64
N SER A 94 8.99 -18.17 3.40
CA SER A 94 9.47 -18.44 2.02
C SER A 94 10.37 -19.66 2.09
N GLN A 95 10.38 -20.48 1.03
CA GLN A 95 11.37 -21.58 0.95
C GLN A 95 12.24 -21.40 -0.29
N SER A 96 13.52 -21.76 -0.15
CA SER A 96 14.46 -21.80 -1.31
C SER A 96 15.19 -23.16 -1.32
N THR A 97 14.67 -24.15 -0.58
CA THR A 97 15.18 -25.53 -0.71
C THR A 97 14.97 -26.00 -2.15
N HIS A 98 13.77 -25.72 -2.67
CA HIS A 98 13.30 -26.22 -3.99
C HIS A 98 13.19 -25.05 -4.96
N VAL A 99 13.43 -25.34 -6.25
CA VAL A 99 13.13 -24.40 -7.36
C VAL A 99 11.84 -24.88 -8.02
N PRO A 100 10.81 -24.03 -8.20
CA PRO A 100 10.88 -22.59 -7.92
C PRO A 100 10.87 -22.24 -6.42
N TYR A 101 11.50 -21.11 -6.07
CA TYR A 101 11.34 -20.52 -4.72
C TYR A 101 9.87 -20.12 -4.56
N THR A 102 9.32 -20.29 -3.36
CA THR A 102 7.89 -19.96 -3.14
C THR A 102 7.73 -19.16 -1.84
N PHE A 103 6.58 -18.48 -1.75
CA PHE A 103 6.19 -17.66 -0.58
C PHE A 103 4.85 -18.15 -0.04
N GLY A 104 4.70 -18.07 1.29
CA GLY A 104 3.39 -18.12 1.95
C GLY A 104 2.51 -16.96 1.50
N GLY A 105 1.22 -17.01 1.83
CA GLY A 105 0.24 -15.99 1.43
C GLY A 105 0.35 -14.73 2.27
N GLY A 106 1.13 -14.76 3.35
CA GLY A 106 1.26 -13.60 4.25
C GLY A 106 0.35 -13.71 5.46
N THR A 107 0.82 -13.16 6.59
CA THR A 107 0.03 -12.97 7.83
C THR A 107 0.12 -11.49 8.22
N LYS A 108 -1.02 -10.80 8.32
CA LYS A 108 -1.04 -9.38 8.72
C LYS A 108 -0.97 -9.32 10.25
N LEU A 109 0.03 -8.61 10.77
CA LEU A 109 0.11 -8.32 12.23
C LEU A 109 -0.50 -6.94 12.46
N GLU A 110 -1.56 -6.93 13.28
CA GLU A 110 -2.25 -5.69 13.69
C GLU A 110 -1.92 -5.43 15.15
N ILE A 111 -1.53 -4.19 15.48
CA ILE A 111 -1.23 -3.77 16.88
C ILE A 111 -2.55 -3.46 17.58
N LYS A 112 -2.77 -4.07 18.74
CA LYS A 112 -3.94 -3.71 19.57
C LYS A 112 -3.61 -2.38 20.24
N ARG A 113 -4.55 -1.43 20.14
CA ARG A 113 -4.49 -0.20 20.97
C ARG A 113 -5.85 -0.04 21.63
N ALA A 114 -5.95 0.98 22.49
CA ALA A 114 -7.23 1.33 23.15
C ALA A 114 -8.26 1.65 22.06
N ASP A 115 -9.53 1.28 22.29
CA ASP A 115 -10.63 1.69 21.38
C ASP A 115 -10.52 3.20 21.13
N ALA A 116 -10.73 3.62 19.89
CA ALA A 116 -10.78 5.05 19.51
C ALA A 116 -11.95 5.26 18.54
N ALA A 117 -12.89 6.12 18.92
CA ALA A 117 -14.06 6.43 18.06
C ALA A 117 -13.54 7.14 16.82
N PRO A 118 -14.11 6.87 15.64
CA PRO A 118 -13.80 7.68 14.46
C PRO A 118 -14.22 9.14 14.67
N THR A 119 -13.35 10.04 14.20
CA THR A 119 -13.69 11.48 14.00
C THR A 119 -14.31 11.60 12.60
N VAL A 120 -15.60 11.92 12.57
CA VAL A 120 -16.37 11.94 11.28
C VAL A 120 -16.46 13.40 10.83
N SER A 121 -16.13 13.62 9.56
CA SER A 121 -16.27 14.95 8.91
C SER A 121 -16.97 14.74 7.56
N ILE A 122 -18.02 15.52 7.30
CA ILE A 122 -18.73 15.51 5.99
C ILE A 122 -18.47 16.86 5.30
N PHE A 123 -18.26 16.81 3.99
CA PHE A 123 -17.96 17.98 3.15
C PHE A 123 -18.93 18.02 1.97
N PRO A 124 -19.70 19.12 1.83
CA PRO A 124 -20.53 19.31 0.64
C PRO A 124 -19.64 19.40 -0.59
N PRO A 125 -20.21 19.22 -1.81
CA PRO A 125 -19.48 19.53 -3.04
C PRO A 125 -19.00 20.98 -3.03
N SER A 126 -17.79 21.21 -3.55
CA SER A 126 -17.26 22.58 -3.76
C SER A 126 -18.06 23.28 -4.86
N SER A 127 -18.16 24.61 -4.78
CA SER A 127 -18.73 25.44 -5.88
C SER A 127 -17.97 25.15 -7.18
N GLU A 128 -16.66 24.93 -7.09
CA GLU A 128 -15.82 24.69 -8.30
C GLU A 128 -16.28 23.40 -8.97
N GLN A 129 -16.52 22.34 -8.20
CA GLN A 129 -16.95 21.06 -8.81
C GLN A 129 -18.34 21.24 -9.44
N LEU A 130 -19.25 21.92 -8.75
CA LEU A 130 -20.68 22.01 -9.18
C LEU A 130 -20.79 22.66 -10.57
N THR A 131 -19.97 23.68 -10.85
CA THR A 131 -19.88 24.32 -12.19
C THR A 131 -19.57 23.27 -13.26
N SER A 132 -18.83 22.21 -12.89
CA SER A 132 -18.43 21.13 -13.82
C SER A 132 -19.58 20.15 -14.07
N GLY A 133 -20.69 20.30 -13.34
CA GLY A 133 -21.89 19.45 -13.48
C GLY A 133 -21.82 18.19 -12.63
N GLY A 134 -20.79 18.10 -11.77
CA GLY A 134 -20.57 16.96 -10.86
C GLY A 134 -20.72 17.39 -9.40
N ALA A 135 -21.07 16.47 -8.51
CA ALA A 135 -21.25 16.75 -7.06
C ALA A 135 -20.72 15.56 -6.26
N SER A 136 -19.51 15.71 -5.71
CA SER A 136 -18.91 14.69 -4.79
C SER A 136 -19.13 15.13 -3.35
N VAL A 137 -19.81 14.30 -2.57
CA VAL A 137 -20.00 14.52 -1.11
C VAL A 137 -19.01 13.58 -0.41
N VAL A 138 -18.11 14.17 0.39
CA VAL A 138 -16.96 13.41 0.94
C VAL A 138 -17.13 13.30 2.45
N CYS A 139 -16.90 12.09 2.95
CA CYS A 139 -16.95 11.80 4.39
C CYS A 139 -15.63 11.17 4.80
N PHE A 140 -14.97 11.77 5.77
CA PHE A 140 -13.77 11.18 6.43
C PHE A 140 -14.21 10.51 7.73
N LEU A 141 -13.69 9.30 7.94
CA LEU A 141 -13.86 8.59 9.23
C LEU A 141 -12.47 8.30 9.78
N ASN A 142 -11.98 9.20 10.65
CA ASN A 142 -10.52 9.35 10.86
C ASN A 142 -10.12 8.77 12.22
N ASN A 143 -8.97 8.08 12.22
CA ASN A 143 -8.19 7.70 13.42
C ASN A 143 -9.05 6.88 14.38
N PHE A 144 -9.52 5.72 13.91
CA PHE A 144 -10.39 4.84 14.73
C PHE A 144 -9.69 3.50 14.94
N TYR A 145 -10.14 2.81 15.98
CA TYR A 145 -9.67 1.45 16.35
C TYR A 145 -10.77 0.86 17.22
N PRO A 146 -11.22 -0.40 16.99
CA PRO A 146 -10.64 -1.33 16.01
C PRO A 146 -11.01 -1.08 14.54
N LYS A 147 -10.55 -1.96 13.66
CA LYS A 147 -10.54 -1.73 12.18
C LYS A 147 -11.96 -1.79 11.62
N ASP A 148 -12.82 -2.66 12.16
CA ASP A 148 -14.14 -2.91 11.53
C ASP A 148 -15.01 -1.67 11.69
N ILE A 149 -15.60 -1.24 10.57
CA ILE A 149 -16.51 -0.07 10.55
C ILE A 149 -17.47 -0.25 9.38
N ASN A 150 -18.63 0.39 9.50
CA ASN A 150 -19.66 0.39 8.43
C ASN A 150 -20.05 1.84 8.19
N VAL A 151 -20.04 2.27 6.93
CA VAL A 151 -20.52 3.63 6.59
C VAL A 151 -21.78 3.47 5.76
N LYS A 152 -22.76 4.31 6.07
CA LYS A 152 -24.08 4.39 5.40
C LYS A 152 -24.27 5.85 4.98
N TRP A 153 -24.75 6.04 3.75
CA TRP A 153 -25.18 7.38 3.27
C TRP A 153 -26.70 7.45 3.36
N LYS A 154 -27.23 8.58 3.81
CA LYS A 154 -28.69 8.84 3.74
C LYS A 154 -28.90 10.18 3.04
N ILE A 155 -29.89 10.21 2.16
CA ILE A 155 -30.29 11.45 1.44
C ILE A 155 -31.77 11.68 1.73
N ASP A 156 -32.08 12.75 2.47
CA ASP A 156 -33.48 13.02 2.89
C ASP A 156 -34.08 11.74 3.47
N GLY A 157 -33.32 11.02 4.29
CA GLY A 157 -33.83 9.91 5.11
C GLY A 157 -33.68 8.57 4.43
N SER A 158 -33.38 8.56 3.13
CA SER A 158 -33.30 7.30 2.34
C SER A 158 -31.86 6.85 2.20
N GLU A 159 -31.59 5.57 2.46
CA GLU A 159 -30.23 5.00 2.30
C GLU A 159 -29.84 5.09 0.81
N ARG A 160 -28.62 5.54 0.55
CA ARG A 160 -28.06 5.63 -0.82
C ARG A 160 -26.87 4.68 -0.93
N GLN A 161 -26.89 3.76 -1.89
CA GLN A 161 -25.80 2.76 -2.07
C GLN A 161 -25.02 3.04 -3.37
N ASN A 162 -25.72 3.35 -4.46
CA ASN A 162 -25.10 3.56 -5.80
C ASN A 162 -24.28 4.86 -5.78
N GLY A 163 -23.06 4.83 -6.32
CA GLY A 163 -22.23 6.02 -6.49
C GLY A 163 -21.33 6.27 -5.30
N VAL A 164 -21.23 5.28 -4.40
CA VAL A 164 -20.35 5.40 -3.20
C VAL A 164 -19.05 4.65 -3.45
N LEU A 165 -17.92 5.31 -3.24
CA LEU A 165 -16.58 4.66 -3.30
C LEU A 165 -15.85 4.90 -1.97
N ASN A 166 -15.35 3.81 -1.38
CA ASN A 166 -14.63 3.83 -0.08
C ASN A 166 -13.14 3.59 -0.31
N SER A 167 -12.31 4.22 0.51
CA SER A 167 -10.84 4.00 0.53
C SER A 167 -10.37 3.91 1.99
N TRP A 168 -9.54 2.91 2.26
CA TRP A 168 -9.08 2.60 3.65
C TRP A 168 -7.57 2.87 3.71
N THR A 169 -7.10 3.43 4.82
CA THR A 169 -5.63 3.47 5.08
C THR A 169 -5.22 2.14 5.71
N ASP A 170 -3.92 1.85 5.63
CA ASP A 170 -3.29 0.79 6.46
C ASP A 170 -3.24 1.28 7.91
N GLN A 171 -2.99 0.37 8.85
CA GLN A 171 -2.81 0.77 10.27
C GLN A 171 -1.63 1.74 10.36
N ASP A 172 -1.84 2.84 11.09
CA ASP A 172 -0.87 3.98 11.16
C ASP A 172 0.27 3.60 12.09
N SER A 173 1.51 3.81 11.62
CA SER A 173 2.78 3.46 12.33
C SER A 173 2.96 4.29 13.60
N LYS A 174 2.27 5.43 13.74
CA LYS A 174 2.50 6.36 14.88
C LYS A 174 1.42 6.18 15.96
N ASP A 175 0.17 5.93 15.58
CA ASP A 175 -0.93 5.94 16.60
C ASP A 175 -1.76 4.65 16.54
N SER A 176 -1.41 3.69 15.67
CA SER A 176 -2.04 2.35 15.59
C SER A 176 -3.52 2.47 15.22
N THR A 177 -3.93 3.59 14.63
CA THR A 177 -5.35 3.76 14.19
C THR A 177 -5.49 3.49 12.69
N TYR A 178 -6.74 3.40 12.27
CA TYR A 178 -7.14 3.29 10.84
C TYR A 178 -7.92 4.56 10.47
N SER A 179 -7.93 4.87 9.18
CA SER A 179 -8.82 5.94 8.67
C SER A 179 -9.52 5.44 7.39
N MET A 180 -10.67 6.01 7.08
CA MET A 180 -11.43 5.60 5.89
C MET A 180 -12.06 6.84 5.27
N SER A 181 -12.05 6.94 3.94
CA SER A 181 -12.85 7.95 3.23
C SER A 181 -14.03 7.26 2.53
N SER A 182 -15.17 7.93 2.51
CA SER A 182 -16.36 7.46 1.77
C SER A 182 -16.85 8.63 0.90
N THR A 183 -16.94 8.41 -0.41
CA THR A 183 -17.25 9.52 -1.36
C THR A 183 -18.48 9.11 -2.16
N LEU A 184 -19.53 9.93 -2.05
CA LEU A 184 -20.78 9.76 -2.84
C LEU A 184 -20.71 10.74 -4.00
N THR A 185 -20.68 10.21 -5.23
CA THR A 185 -20.60 11.07 -6.44
C THR A 185 -21.94 11.02 -7.18
N LEU A 186 -22.56 12.19 -7.30
CA LEU A 186 -23.86 12.42 -7.99
C LEU A 186 -23.61 13.37 -9.16
N THR A 187 -24.60 13.50 -10.04
CA THR A 187 -24.66 14.65 -10.96
C THR A 187 -25.07 15.89 -10.15
N LYS A 188 -24.74 17.09 -10.64
CA LYS A 188 -25.21 18.32 -9.96
C LYS A 188 -26.74 18.27 -9.87
N ASP A 189 -27.43 17.78 -10.91
CA ASP A 189 -28.91 17.78 -10.90
C ASP A 189 -29.41 16.82 -9.81
N GLU A 190 -28.79 15.65 -9.68
CA GLU A 190 -29.17 14.63 -8.66
C GLU A 190 -28.96 15.25 -7.27
N TYR A 191 -27.83 15.92 -7.07
CA TYR A 191 -27.46 16.54 -5.77
C TYR A 191 -28.50 17.60 -5.39
N GLU A 192 -28.99 18.35 -6.38
CA GLU A 192 -29.89 19.51 -6.13
C GLU A 192 -31.35 19.07 -6.03
N ARG A 193 -31.61 17.77 -6.18
CA ARG A 193 -32.97 17.20 -6.00
C ARG A 193 -33.29 17.07 -4.51
N HIS A 194 -32.25 17.06 -3.67
CA HIS A 194 -32.36 16.64 -2.25
C HIS A 194 -31.74 17.72 -1.35
N ASN A 195 -32.08 17.71 -0.06
CA ASN A 195 -31.67 18.76 0.90
C ASN A 195 -30.63 18.19 1.89
N SER A 196 -30.98 17.15 2.61
CA SER A 196 -30.23 16.68 3.82
C SER A 196 -29.32 15.50 3.45
N TYR A 197 -28.01 15.67 3.60
CA TYR A 197 -27.01 14.63 3.27
C TYR A 197 -26.34 14.16 4.56
N THR A 198 -26.34 12.84 4.78
CA THR A 198 -25.88 12.25 6.05
C THR A 198 -24.88 11.12 5.78
N CYS A 199 -23.74 11.20 6.47
CA CYS A 199 -22.72 10.12 6.56
C CYS A 199 -22.81 9.51 7.97
N GLU A 200 -23.17 8.23 8.03
CA GLU A 200 -23.36 7.53 9.34
C GLU A 200 -22.28 6.44 9.48
N ALA A 201 -21.52 6.48 10.59
CA ALA A 201 -20.53 5.44 10.94
C ALA A 201 -21.11 4.54 12.02
N THR A 202 -21.01 3.23 11.82
CA THR A 202 -21.26 2.21 12.87
C THR A 202 -19.93 1.61 13.31
N HIS A 203 -19.63 1.70 14.60
CA HIS A 203 -18.32 1.30 15.14
C HIS A 203 -18.48 0.74 16.55
N LYS A 204 -17.53 -0.07 16.99
CA LYS A 204 -17.57 -0.68 18.35
C LYS A 204 -17.80 0.39 19.42
N THR A 205 -17.23 1.59 19.23
CA THR A 205 -17.09 2.62 20.29
C THR A 205 -18.44 3.27 20.61
N SER A 206 -19.48 2.99 19.84
CA SER A 206 -20.83 3.60 20.05
C SER A 206 -21.93 2.59 19.76
N THR A 207 -22.96 2.54 20.61
CA THR A 207 -24.17 1.73 20.31
C THR A 207 -24.99 2.43 19.22
N SER A 208 -24.91 3.76 19.13
CA SER A 208 -25.62 4.57 18.11
C SER A 208 -24.67 4.86 16.96
N PRO A 209 -25.19 5.03 15.72
CA PRO A 209 -24.38 5.57 14.62
C PRO A 209 -23.71 6.89 15.03
N ILE A 210 -22.49 7.08 14.53
CA ILE A 210 -21.70 8.34 14.68
C ILE A 210 -21.87 9.12 13.37
N VAL A 211 -22.60 10.23 13.43
CA VAL A 211 -23.23 10.86 12.23
C VAL A 211 -22.65 12.26 12.03
N LYS A 212 -22.48 12.65 10.77
CA LYS A 212 -22.32 14.07 10.37
C LYS A 212 -23.23 14.32 9.18
N SER A 213 -23.97 15.42 9.21
CA SER A 213 -24.94 15.74 8.13
C SER A 213 -24.82 17.24 7.83
N PHE A 214 -25.37 17.63 6.69
CA PHE A 214 -25.54 19.07 6.34
C PHE A 214 -26.80 19.17 5.47
N ASN A 215 -27.36 20.38 5.44
CA ASN A 215 -28.48 20.74 4.54
C ASN A 215 -27.92 21.57 3.38
N ARG A 216 -28.19 21.13 2.15
CA ARG A 216 -27.84 21.91 0.94
C ARG A 216 -28.40 23.33 1.07
N ASN A 217 -29.59 23.48 1.66
CA ASN A 217 -30.28 24.79 1.78
C ASN A 217 -30.12 25.32 3.21
N LEU B 1 27.38 0.83 2.64
CA LEU B 1 25.91 0.64 2.56
C LEU B 1 25.59 -0.03 1.22
N ILE B 2 24.93 -1.19 1.27
CA ILE B 2 24.47 -1.87 0.02
C ILE B 2 23.07 -1.34 -0.34
N GLN B 3 22.85 -1.04 -1.61
CA GLN B 3 21.52 -0.61 -2.09
C GLN B 3 21.23 -1.29 -3.43
N LEU B 4 19.97 -1.70 -3.58
CA LEU B 4 19.36 -1.99 -4.91
C LEU B 4 18.37 -0.85 -5.20
N VAL B 5 18.56 -0.15 -6.31
CA VAL B 5 17.63 0.94 -6.71
C VAL B 5 16.96 0.55 -8.02
N GLN B 6 15.66 0.83 -8.14
CA GLN B 6 14.92 0.46 -9.37
C GLN B 6 14.50 1.73 -10.11
N SER B 7 14.22 1.54 -11.39
CA SER B 7 13.69 2.60 -12.29
C SER B 7 12.25 2.92 -11.87
N GLY B 8 11.80 4.10 -12.28
CA GLY B 8 10.59 4.75 -11.75
C GLY B 8 9.33 4.09 -12.33
N PRO B 9 8.14 4.55 -11.87
CA PRO B 9 6.88 3.93 -12.28
C PRO B 9 6.71 3.95 -13.81
N GLU B 10 6.09 2.90 -14.32
CA GLU B 10 5.89 2.70 -15.78
C GLU B 10 4.40 2.69 -16.05
N VAL B 11 4.03 3.25 -17.20
CA VAL B 11 2.61 3.31 -17.65
C VAL B 11 2.57 2.91 -19.13
N LYS B 12 1.97 1.77 -19.41
CA LYS B 12 1.98 1.16 -20.76
C LYS B 12 0.55 0.84 -21.19
N LYS B 13 0.35 0.75 -22.50
CA LYS B 13 -0.88 0.20 -23.09
C LYS B 13 -0.72 -1.31 -23.24
N PRO B 14 -1.84 -2.05 -23.24
CA PRO B 14 -1.83 -3.49 -23.53
C PRO B 14 -1.11 -3.77 -24.86
N GLY B 15 -0.28 -4.81 -24.86
CA GLY B 15 0.48 -5.26 -26.04
C GLY B 15 1.83 -4.59 -26.15
N GLU B 16 2.10 -3.56 -25.34
CA GLU B 16 3.38 -2.82 -25.41
C GLU B 16 4.48 -3.58 -24.65
N THR B 17 5.70 -3.07 -24.74
CA THR B 17 6.88 -3.64 -24.04
C THR B 17 7.35 -2.66 -22.98
N VAL B 18 7.81 -3.19 -21.84
CA VAL B 18 8.43 -2.33 -20.79
C VAL B 18 9.76 -2.98 -20.40
N LYS B 19 10.72 -2.13 -20.03
CA LYS B 19 12.03 -2.62 -19.52
C LYS B 19 12.35 -1.85 -18.24
N ILE B 20 12.42 -2.60 -17.14
CA ILE B 20 12.66 -2.07 -15.76
C ILE B 20 14.11 -2.38 -15.37
N SER B 21 14.75 -1.45 -14.68
CA SER B 21 16.16 -1.60 -14.26
C SER B 21 16.25 -1.75 -12.75
N CYS B 22 17.33 -2.44 -12.36
CA CYS B 22 17.71 -2.70 -10.95
C CYS B 22 19.21 -2.45 -10.84
N THR B 23 19.60 -1.34 -10.21
CA THR B 23 21.04 -0.98 -10.12
C THR B 23 21.55 -1.23 -8.71
N ALA B 24 22.63 -1.99 -8.60
CA ALA B 24 23.25 -2.40 -7.32
C ALA B 24 24.44 -1.50 -7.03
N SER B 25 24.60 -1.14 -5.75
CA SER B 25 25.78 -0.37 -5.28
C SER B 25 26.25 -0.93 -3.93
N GLY B 26 27.55 -0.76 -3.65
CA GLY B 26 28.15 -1.04 -2.34
C GLY B 26 28.74 -2.44 -2.23
N TYR B 27 28.80 -3.20 -3.34
CA TYR B 27 29.41 -4.56 -3.35
C TYR B 27 29.83 -4.94 -4.77
N THR B 28 30.55 -6.05 -4.90
CA THR B 28 30.96 -6.58 -6.22
C THR B 28 29.76 -7.25 -6.90
N PHE B 29 29.19 -6.56 -7.89
CA PHE B 29 27.92 -6.93 -8.57
C PHE B 29 27.97 -8.39 -9.01
N THR B 30 29.09 -8.82 -9.61
CA THR B 30 29.19 -10.13 -10.30
C THR B 30 29.37 -11.27 -9.27
N ASN B 31 29.35 -11.00 -7.97
CA ASN B 31 29.52 -12.07 -6.95
C ASN B 31 28.17 -12.50 -6.37
N TYR B 32 27.06 -11.86 -6.74
CA TYR B 32 25.75 -12.20 -6.16
C TYR B 32 24.69 -12.36 -7.25
N VAL B 33 23.79 -13.32 -7.03
CA VAL B 33 22.66 -13.63 -7.95
C VAL B 33 21.56 -12.61 -7.71
N ILE B 34 20.95 -12.12 -8.80
CA ILE B 34 19.82 -11.16 -8.75
C ILE B 34 18.52 -11.90 -9.11
N HIS B 35 17.48 -11.66 -8.32
CA HIS B 35 16.14 -12.27 -8.52
C HIS B 35 15.13 -11.18 -8.82
N TRP B 36 14.02 -11.61 -9.42
CA TRP B 36 12.84 -10.77 -9.70
C TRP B 36 11.63 -11.41 -9.04
N VAL B 37 10.90 -10.60 -8.28
CA VAL B 37 9.73 -11.03 -7.47
C VAL B 37 8.58 -10.09 -7.80
N LYS B 38 7.41 -10.64 -8.13
CA LYS B 38 6.19 -9.88 -8.48
C LYS B 38 5.31 -9.77 -7.23
N GLN B 39 4.70 -8.61 -6.99
CA GLN B 39 3.64 -8.52 -5.94
C GLN B 39 2.37 -9.17 -6.49
N ALA B 40 2.08 -10.38 -6.01
CA ALA B 40 0.91 -11.19 -6.41
C ALA B 40 -0.36 -10.52 -5.90
N PRO B 41 -1.54 -10.88 -6.47
CA PRO B 41 -2.80 -10.25 -6.05
C PRO B 41 -3.03 -10.52 -4.56
N GLY B 42 -3.81 -9.65 -3.90
CA GLY B 42 -3.99 -9.69 -2.44
C GLY B 42 -2.68 -9.45 -1.72
N LYS B 43 -1.72 -8.86 -2.44
CA LYS B 43 -0.45 -8.33 -1.87
C LYS B 43 0.37 -9.53 -1.38
N GLY B 44 0.27 -10.66 -2.08
CA GLY B 44 1.21 -11.80 -1.97
C GLY B 44 2.50 -11.55 -2.73
N LEU B 45 3.44 -12.50 -2.69
CA LEU B 45 4.72 -12.42 -3.43
C LEU B 45 4.83 -13.63 -4.35
N LYS B 46 5.37 -13.44 -5.55
CA LYS B 46 5.56 -14.55 -6.52
C LYS B 46 6.96 -14.45 -7.15
N TRP B 47 7.74 -15.52 -6.99
CA TRP B 47 9.12 -15.57 -7.53
C TRP B 47 9.08 -15.70 -9.05
N MET B 48 9.80 -14.85 -9.77
CA MET B 48 9.78 -14.87 -11.25
C MET B 48 11.00 -15.65 -11.78
N GLY B 49 12.12 -15.59 -11.08
CA GLY B 49 13.35 -16.22 -11.59
C GLY B 49 14.59 -15.51 -11.09
N TRP B 50 15.77 -16.02 -11.48
CA TRP B 50 17.07 -15.38 -11.16
C TRP B 50 17.88 -15.17 -12.44
N ILE B 51 18.93 -14.37 -12.30
CA ILE B 51 19.98 -14.26 -13.34
C ILE B 51 21.35 -14.26 -12.66
N TYR B 52 22.23 -15.14 -13.13
CA TYR B 52 23.65 -15.19 -12.71
C TYR B 52 24.36 -13.94 -13.27
N THR B 53 24.93 -13.13 -12.38
CA THR B 53 25.53 -11.82 -12.78
C THR B 53 26.94 -12.08 -13.34
N ASP B 54 27.49 -13.28 -13.17
CA ASP B 54 28.86 -13.59 -13.67
C ASP B 54 28.78 -14.19 -15.07
N THR B 55 27.70 -14.93 -15.39
CA THR B 55 27.54 -15.64 -16.68
C THR B 55 26.39 -15.04 -17.50
N GLY B 56 25.48 -14.28 -16.87
CA GLY B 56 24.31 -13.69 -17.53
C GLY B 56 23.22 -14.72 -17.82
N GLU B 57 23.37 -15.94 -17.30
CA GLU B 57 22.40 -17.04 -17.56
C GLU B 57 21.18 -16.85 -16.66
N PRO B 58 19.98 -16.70 -17.26
CA PRO B 58 18.75 -16.59 -16.49
C PRO B 58 18.08 -17.95 -16.30
N THR B 59 17.32 -18.04 -15.20
CA THR B 59 16.42 -19.16 -14.85
C THR B 59 15.04 -18.58 -14.53
N TYR B 60 14.02 -18.97 -15.29
CA TYR B 60 12.65 -18.42 -15.15
C TYR B 60 11.79 -19.43 -14.41
N ALA B 61 10.90 -18.96 -13.55
CA ALA B 61 9.76 -19.75 -13.06
C ALA B 61 8.86 -20.03 -14.27
N ASP B 62 8.14 -21.15 -14.24
CA ASP B 62 7.34 -21.62 -15.40
C ASP B 62 6.45 -20.51 -15.94
N ASP B 63 5.77 -19.76 -15.07
CA ASP B 63 4.75 -18.76 -15.49
C ASP B 63 5.42 -17.57 -16.20
N PHE B 64 6.75 -17.46 -16.15
CA PHE B 64 7.45 -16.27 -16.69
C PHE B 64 8.38 -16.63 -17.87
N LYS B 65 8.21 -17.82 -18.45
CA LYS B 65 9.12 -18.29 -19.53
C LYS B 65 8.72 -17.61 -20.86
N GLY B 66 7.44 -17.31 -21.07
CA GLY B 66 6.93 -16.86 -22.39
C GLY B 66 7.36 -15.44 -22.70
N ARG B 67 6.93 -14.47 -21.90
CA ARG B 67 6.94 -13.03 -22.29
C ARG B 67 8.01 -12.25 -21.52
N PHE B 68 8.78 -12.89 -20.63
CA PHE B 68 9.67 -12.17 -19.68
C PHE B 68 11.13 -12.45 -20.04
N ALA B 69 11.99 -11.45 -19.93
CA ALA B 69 13.42 -11.63 -20.24
C ALA B 69 14.27 -10.87 -19.23
N PHE B 70 15.21 -11.56 -18.59
CA PHE B 70 16.23 -10.95 -17.70
C PHE B 70 17.50 -10.71 -18.51
N SER B 71 18.14 -9.56 -18.26
CA SER B 71 19.41 -9.19 -18.92
C SER B 71 20.27 -8.39 -17.95
N LEU B 72 21.54 -8.18 -18.32
CA LEU B 72 22.51 -7.45 -17.47
C LEU B 72 23.16 -6.35 -18.31
N GLU B 73 23.56 -5.29 -17.61
CA GLU B 73 24.69 -4.40 -18.01
C GLU B 73 25.69 -4.40 -16.85
N THR B 74 26.58 -5.40 -16.77
CA THR B 74 27.42 -5.61 -15.55
C THR B 74 28.32 -4.39 -15.33
N SER B 75 28.74 -3.69 -16.39
CA SER B 75 29.63 -2.50 -16.24
C SER B 75 28.87 -1.34 -15.61
N ALA B 76 27.53 -1.42 -15.57
CA ALA B 76 26.65 -0.41 -14.94
C ALA B 76 26.03 -0.99 -13.66
N ASN B 77 26.46 -2.19 -13.25
CA ASN B 77 25.97 -2.87 -12.04
C ASN B 77 24.45 -3.02 -12.13
N THR B 78 23.92 -3.27 -13.33
CA THR B 78 22.47 -3.14 -13.56
C THR B 78 21.91 -4.45 -14.11
N ALA B 79 20.78 -4.88 -13.53
CA ALA B 79 19.97 -6.00 -14.06
C ALA B 79 18.69 -5.42 -14.65
N TYR B 80 18.20 -6.00 -15.74
CA TYR B 80 16.93 -5.56 -16.37
C TYR B 80 15.90 -6.67 -16.36
N LEU B 81 14.65 -6.25 -16.26
CA LEU B 81 13.47 -7.11 -16.53
C LEU B 81 12.73 -6.50 -17.72
N GLN B 82 12.60 -7.28 -18.80
CA GLN B 82 11.79 -6.84 -19.96
C GLN B 82 10.53 -7.72 -20.01
N ILE B 83 9.37 -7.08 -20.11
CA ILE B 83 8.07 -7.77 -20.28
C ILE B 83 7.53 -7.38 -21.66
N ASN B 84 7.29 -8.37 -22.51
CA ASN B 84 6.76 -8.11 -23.88
C ASN B 84 5.25 -8.36 -23.87
N ASN B 85 4.56 -7.73 -24.82
CA ASN B 85 3.13 -8.02 -25.11
C ASN B 85 2.34 -7.89 -23.81
N LEU B 86 2.36 -6.70 -23.21
CA LEU B 86 1.85 -6.49 -21.83
C LEU B 86 0.38 -6.84 -21.76
N LYS B 87 0.00 -7.46 -20.63
CA LYS B 87 -1.39 -7.87 -20.31
C LYS B 87 -1.87 -7.09 -19.08
N ASN B 88 -3.19 -7.04 -18.90
CA ASN B 88 -3.81 -6.46 -17.68
C ASN B 88 -3.20 -7.11 -16.44
N GLU B 89 -2.95 -8.42 -16.46
CA GLU B 89 -2.53 -9.17 -15.25
C GLU B 89 -1.06 -8.84 -14.93
N ASP B 90 -0.35 -8.14 -15.84
CA ASP B 90 1.05 -7.71 -15.59
C ASP B 90 1.06 -6.49 -14.67
N MET B 91 -0.11 -5.85 -14.51
CA MET B 91 -0.22 -4.59 -13.74
C MET B 91 -0.06 -4.88 -12.26
N THR B 92 1.10 -4.53 -11.71
CA THR B 92 1.45 -4.76 -10.28
C THR B 92 2.80 -4.08 -10.00
N THR B 93 3.40 -4.40 -8.86
CA THR B 93 4.76 -3.91 -8.51
C THR B 93 5.76 -5.06 -8.67
N TYR B 94 6.93 -4.71 -9.20
CA TYR B 94 8.04 -5.68 -9.45
C TYR B 94 9.23 -5.27 -8.57
N PHE B 95 9.78 -6.27 -7.86
CA PHE B 95 10.98 -6.07 -7.00
C PHE B 95 12.13 -6.85 -7.62
N CYS B 96 13.32 -6.27 -7.55
CA CYS B 96 14.56 -7.08 -7.66
C CYS B 96 15.07 -7.33 -6.24
N ALA B 97 15.79 -8.45 -6.07
CA ALA B 97 16.36 -8.84 -4.77
C ALA B 97 17.73 -9.46 -5.01
N ARG B 98 18.65 -9.16 -4.11
CA ARG B 98 19.96 -9.85 -4.07
C ARG B 98 19.80 -11.14 -3.24
N GLU B 99 20.38 -12.24 -3.71
CA GLU B 99 20.38 -13.50 -2.92
C GLU B 99 21.67 -13.55 -2.10
N ALA B 100 21.51 -13.63 -0.77
CA ALA B 100 22.62 -13.90 0.18
C ALA B 100 23.18 -15.31 -0.07
N TYR B 101 24.40 -15.58 0.39
CA TYR B 101 25.04 -16.90 0.19
C TYR B 101 24.26 -18.01 0.89
N PRO B 102 23.56 -17.81 2.03
CA PRO B 102 22.70 -18.84 2.59
C PRO B 102 21.30 -18.92 1.95
N ASN B 103 21.16 -18.30 0.78
CA ASN B 103 20.06 -18.58 -0.19
C ASN B 103 18.74 -17.98 0.30
N TYR B 104 18.82 -16.86 1.04
CA TYR B 104 17.68 -15.96 1.33
C TYR B 104 17.93 -14.63 0.63
N PHE B 105 16.90 -13.77 0.56
CA PHE B 105 17.05 -12.43 -0.07
C PHE B 105 17.41 -11.41 1.00
N ASP B 106 18.59 -10.80 0.86
CA ASP B 106 19.14 -9.92 1.93
C ASP B 106 18.81 -8.46 1.61
N TYR B 107 18.96 -8.04 0.36
CA TYR B 107 18.69 -6.64 -0.05
C TYR B 107 17.66 -6.66 -1.17
N TRP B 108 16.66 -5.80 -1.06
CA TRP B 108 15.58 -5.66 -2.06
C TRP B 108 15.63 -4.26 -2.68
N GLY B 109 15.30 -4.17 -3.97
CA GLY B 109 14.89 -2.89 -4.58
C GLY B 109 13.61 -2.38 -3.94
N HIS B 110 13.34 -1.07 -4.07
CA HIS B 110 12.12 -0.44 -3.51
C HIS B 110 10.88 -0.84 -4.30
N GLY B 111 11.05 -1.42 -5.49
CA GLY B 111 9.92 -1.79 -6.36
C GLY B 111 9.72 -0.81 -7.50
N THR B 112 9.20 -1.31 -8.61
CA THR B 112 8.71 -0.51 -9.76
C THR B 112 7.25 -0.87 -9.99
N THR B 113 6.35 0.12 -9.99
CA THR B 113 4.91 -0.14 -10.27
C THR B 113 4.70 -0.03 -11.78
N LEU B 114 3.98 -1.02 -12.31
CA LEU B 114 3.60 -1.05 -13.74
C LEU B 114 2.09 -0.90 -13.82
N THR B 115 1.65 0.17 -14.49
CA THR B 115 0.23 0.36 -14.88
C THR B 115 0.06 -0.12 -16.32
N VAL B 116 -0.95 -0.96 -16.56
CA VAL B 116 -1.35 -1.35 -17.94
C VAL B 116 -2.79 -0.84 -18.16
N SER B 117 -2.92 0.16 -19.04
CA SER B 117 -4.21 0.86 -19.27
C SER B 117 -4.24 1.46 -20.67
N SER B 118 -5.44 1.61 -21.24
CA SER B 118 -5.66 2.33 -22.53
C SER B 118 -5.90 3.83 -22.28
N ALA B 119 -5.93 4.28 -21.02
CA ALA B 119 -6.35 5.65 -20.67
C ALA B 119 -5.28 6.65 -21.11
N LYS B 120 -5.69 7.90 -21.38
CA LYS B 120 -4.79 9.02 -21.74
C LYS B 120 -4.44 9.80 -20.47
N THR B 121 -3.21 10.30 -20.40
CA THR B 121 -2.75 11.23 -19.34
C THR B 121 -3.80 12.33 -19.17
N THR B 122 -4.32 12.45 -17.95
CA THR B 122 -5.39 13.42 -17.58
C THR B 122 -4.99 14.08 -16.27
N PRO B 123 -4.87 15.42 -16.21
CA PRO B 123 -4.54 16.09 -14.97
C PRO B 123 -5.73 16.00 -14.03
N PRO B 124 -5.50 16.00 -12.70
CA PRO B 124 -6.61 15.97 -11.74
C PRO B 124 -7.37 17.30 -11.77
N SER B 125 -8.66 17.27 -11.44
CA SER B 125 -9.39 18.42 -10.88
C SER B 125 -9.22 18.44 -9.37
N VAL B 126 -8.81 19.57 -8.82
CA VAL B 126 -8.48 19.68 -7.37
C VAL B 126 -9.52 20.59 -6.70
N TYR B 127 -10.30 20.01 -5.79
CA TYR B 127 -11.42 20.71 -5.13
C TYR B 127 -11.14 20.84 -3.64
N PRO B 128 -11.38 22.04 -3.06
CA PRO B 128 -11.28 22.21 -1.61
C PRO B 128 -12.41 21.48 -0.89
N LEU B 129 -12.12 20.90 0.26
CA LEU B 129 -13.17 20.35 1.16
C LEU B 129 -13.21 21.19 2.44
N ALA B 130 -14.14 22.15 2.47
CA ALA B 130 -14.42 22.98 3.67
C ALA B 130 -15.76 22.55 4.27
N PRO B 131 -15.90 22.60 5.61
CA PRO B 131 -17.14 22.19 6.26
C PRO B 131 -18.32 23.04 5.77
N GLY B 132 -19.51 22.45 5.71
CA GLY B 132 -20.79 23.17 5.60
C GLY B 132 -20.79 24.41 6.48
N SER B 133 -21.24 25.55 5.95
CA SER B 133 -21.08 26.89 6.57
C SER B 133 -21.77 26.92 7.94
N ALA B 134 -22.87 26.17 8.11
CA ALA B 134 -23.80 26.28 9.26
C ALA B 134 -23.13 25.81 10.55
N ALA B 135 -22.31 24.75 10.50
CA ALA B 135 -21.67 24.13 11.68
C ALA B 135 -20.70 25.12 12.34
N GLN B 136 -20.45 24.96 13.65
CA GLN B 136 -19.30 25.57 14.36
C GLN B 136 -18.02 24.83 13.94
N ASN B 138 -15.86 23.80 18.08
CA ASN B 138 -15.05 22.56 18.26
C ASN B 138 -13.55 22.87 18.24
N SER B 139 -12.81 22.08 19.02
CA SER B 139 -11.37 22.21 19.40
C SER B 139 -10.45 22.13 18.18
N MET B 140 -10.64 21.09 17.36
CA MET B 140 -9.87 20.89 16.10
C MET B 140 -10.85 21.00 14.92
N VAL B 141 -10.34 21.35 13.75
CA VAL B 141 -11.16 21.36 12.49
C VAL B 141 -10.45 20.49 11.46
N THR B 142 -11.22 19.65 10.77
CA THR B 142 -10.68 18.80 9.67
C THR B 142 -11.07 19.41 8.32
N LEU B 143 -10.06 19.59 7.48
CA LEU B 143 -10.22 20.15 6.11
C LEU B 143 -9.76 19.06 5.15
N GLY B 144 -10.03 19.25 3.86
CA GLY B 144 -9.61 18.22 2.90
C GLY B 144 -9.37 18.80 1.52
N CYS B 145 -8.85 17.93 0.66
CA CYS B 145 -8.48 18.21 -0.73
C CYS B 145 -8.96 17.02 -1.56
N LEU B 146 -9.93 17.23 -2.45
CA LEU B 146 -10.46 16.20 -3.36
C LEU B 146 -9.69 16.27 -4.68
N VAL B 147 -9.03 15.16 -5.05
CA VAL B 147 -8.13 15.13 -6.24
C VAL B 147 -8.72 14.13 -7.24
N LYS B 148 -9.49 14.64 -8.20
CA LYS B 148 -10.51 13.84 -8.92
C LYS B 148 -10.12 13.70 -10.39
N GLY B 149 -10.24 12.47 -10.92
CA GLY B 149 -10.34 12.20 -12.36
C GLY B 149 -8.98 12.32 -13.06
N TYR B 150 -7.92 11.79 -12.44
CA TYR B 150 -6.56 11.88 -13.04
C TYR B 150 -6.12 10.52 -13.57
N PHE B 151 -5.15 10.56 -14.47
CA PHE B 151 -4.44 9.33 -14.93
C PHE B 151 -3.08 9.76 -15.47
N PRO B 152 -1.99 9.02 -15.19
CA PRO B 152 -1.99 7.87 -14.28
C PRO B 152 -1.64 8.22 -12.83
N GLU B 153 -1.42 7.21 -11.97
CA GLU B 153 -0.69 7.39 -10.69
C GLU B 153 0.74 7.79 -10.98
N PRO B 154 1.46 8.50 -10.07
CA PRO B 154 0.90 8.98 -8.81
C PRO B 154 0.57 10.47 -8.86
N VAL B 155 -0.09 10.97 -7.81
CA VAL B 155 -0.06 12.42 -7.42
C VAL B 155 0.72 12.54 -6.12
N THR B 156 1.25 13.74 -5.86
CA THR B 156 1.83 14.09 -4.53
C THR B 156 0.99 15.21 -3.94
N VAL B 157 0.42 14.93 -2.76
CA VAL B 157 -0.41 15.91 -2.02
C VAL B 157 0.37 16.34 -0.78
N THR B 158 0.59 17.65 -0.65
CA THR B 158 1.17 18.27 0.57
C THR B 158 0.23 19.37 1.04
N TRP B 159 0.44 19.79 2.29
CA TRP B 159 -0.35 20.86 2.95
C TRP B 159 0.61 21.98 3.37
N ASN B 160 0.31 23.21 2.93
CA ASN B 160 1.17 24.39 3.21
C ASN B 160 2.60 24.06 2.78
N SER B 161 2.75 23.55 1.56
CA SER B 161 4.05 23.39 0.85
C SER B 161 4.97 22.46 1.64
N GLY B 162 4.39 21.59 2.48
CA GLY B 162 5.15 20.59 3.24
C GLY B 162 5.24 20.93 4.73
N SER B 163 4.86 22.15 5.11
CA SER B 163 5.04 22.67 6.49
C SER B 163 3.94 22.14 7.41
N LEU B 164 2.79 21.72 6.86
CA LEU B 164 1.74 20.97 7.60
C LEU B 164 1.93 19.48 7.30
N SER B 165 2.42 18.69 8.25
CA SER B 165 2.71 17.24 8.06
C SER B 165 2.03 16.42 9.16
N SER B 166 2.02 16.96 10.39
CA SER B 166 1.22 16.44 11.53
C SER B 166 -0.26 16.49 11.15
N GLY B 167 -1.02 15.45 11.52
CA GLY B 167 -2.49 15.47 11.38
C GLY B 167 -2.92 15.40 9.93
N VAL B 168 -2.05 14.90 9.05
CA VAL B 168 -2.38 14.63 7.62
C VAL B 168 -2.47 13.12 7.43
N HIS B 169 -3.45 12.70 6.64
CA HIS B 169 -3.31 11.44 5.87
C HIS B 169 -4.04 11.55 4.54
N THR B 170 -3.46 10.84 3.56
CA THR B 170 -3.92 10.87 2.16
C THR B 170 -4.39 9.45 1.84
N PHE B 171 -5.64 9.30 1.41
CA PHE B 171 -6.26 7.98 1.16
C PHE B 171 -5.69 7.41 -0.14
N PRO B 172 -5.57 6.06 -0.24
CA PRO B 172 -5.26 5.42 -1.51
C PRO B 172 -6.28 5.81 -2.59
N ALA B 173 -5.79 6.00 -3.81
CA ALA B 173 -6.66 6.35 -4.96
C ALA B 173 -7.62 5.20 -5.23
N VAL B 174 -8.83 5.52 -5.69
CA VAL B 174 -9.75 4.48 -6.24
C VAL B 174 -9.92 4.76 -7.73
N LEU B 175 -10.02 3.67 -8.50
CA LEU B 175 -10.03 3.72 -9.99
C LEU B 175 -11.47 3.45 -10.45
N GLN B 176 -12.09 4.44 -11.07
CA GLN B 176 -13.46 4.36 -11.64
C GLN B 176 -13.43 4.91 -13.07
N SER B 177 -13.89 4.12 -14.04
CA SER B 177 -13.96 4.54 -15.46
C SER B 177 -12.55 4.94 -15.95
N ASP B 178 -11.54 4.20 -15.51
CA ASP B 178 -10.13 4.34 -15.99
C ASP B 178 -9.48 5.61 -15.43
N LEU B 179 -10.15 6.35 -14.54
CA LEU B 179 -9.53 7.54 -13.91
C LEU B 179 -9.41 7.34 -12.40
N TYR B 180 -8.38 7.93 -11.79
CA TYR B 180 -8.14 7.84 -10.33
C TYR B 180 -8.81 9.01 -9.63
N THR B 181 -9.23 8.77 -8.38
CA THR B 181 -9.64 9.84 -7.44
C THR B 181 -9.09 9.52 -6.05
N LEU B 182 -8.55 10.51 -5.36
CA LEU B 182 -8.28 10.34 -3.91
C LEU B 182 -8.65 11.64 -3.19
N SER B 183 -8.72 11.57 -1.86
CA SER B 183 -8.81 12.79 -1.03
C SER B 183 -7.69 12.76 0.02
N SER B 184 -7.30 13.95 0.46
CA SER B 184 -6.34 14.14 1.55
C SER B 184 -7.03 14.93 2.65
N SER B 185 -6.78 14.51 3.89
CA SER B 185 -7.39 15.02 5.15
C SER B 185 -6.29 15.76 5.92
N VAL B 186 -6.58 16.95 6.42
CA VAL B 186 -5.66 17.62 7.38
C VAL B 186 -6.49 18.13 8.55
N THR B 187 -5.93 18.02 9.77
CA THR B 187 -6.63 18.49 10.99
C THR B 187 -5.76 19.53 11.68
N VAL B 188 -6.33 20.71 11.95
CA VAL B 188 -5.59 21.86 12.56
C VAL B 188 -6.41 22.38 13.74
N PRO B 189 -5.79 23.12 14.68
CA PRO B 189 -6.58 23.75 15.74
C PRO B 189 -7.58 24.75 15.15
N SER B 190 -8.82 24.73 15.64
CA SER B 190 -9.96 25.51 15.08
C SER B 190 -9.68 27.02 15.27
N SER B 191 -8.86 27.36 16.26
CA SER B 191 -8.42 28.75 16.54
C SER B 191 -7.56 29.28 15.38
N THR B 192 -7.01 28.39 14.55
CA THR B 192 -6.03 28.74 13.50
C THR B 192 -6.71 28.82 12.11
N TRP B 193 -8.00 28.50 12.03
CA TRP B 193 -8.72 28.51 10.72
C TRP B 193 -10.04 29.26 10.87
N PRO B 194 -10.35 30.25 10.01
CA PRO B 194 -9.56 30.53 8.80
C PRO B 194 -8.41 31.54 8.95
N SER B 195 -8.10 31.99 10.17
CA SER B 195 -7.09 33.05 10.40
C SER B 195 -5.75 32.67 9.76
N GLU B 196 -5.34 31.41 9.88
CA GLU B 196 -4.08 30.90 9.26
C GLU B 196 -4.44 30.07 8.02
N THR B 197 -4.09 30.58 6.83
CA THR B 197 -4.50 29.99 5.54
C THR B 197 -3.98 28.56 5.44
N VAL B 198 -4.85 27.66 4.99
CA VAL B 198 -4.49 26.23 4.76
C VAL B 198 -4.61 25.96 3.26
N THR B 199 -3.51 25.50 2.65
CA THR B 199 -3.42 25.31 1.18
C THR B 199 -3.04 23.86 0.91
N CYS B 200 -3.81 23.14 0.09
CA CYS B 200 -3.35 21.82 -0.42
C CYS B 200 -2.62 22.03 -1.75
N ASN B 201 -1.47 21.38 -1.83
CA ASN B 201 -0.49 21.48 -2.94
C ASN B 201 -0.57 20.16 -3.71
N VAL B 202 -1.04 20.12 -4.96
CA VAL B 202 -1.18 18.81 -5.67
C VAL B 202 -0.28 18.82 -6.90
N ALA B 203 0.65 17.86 -6.98
CA ALA B 203 1.55 17.70 -8.12
C ALA B 203 1.19 16.40 -8.84
N HIS B 204 1.03 16.49 -10.16
CA HIS B 204 0.77 15.32 -11.03
C HIS B 204 1.86 15.24 -12.08
N PRO B 205 2.98 14.53 -11.82
CA PRO B 205 4.16 14.61 -12.67
C PRO B 205 3.82 14.33 -14.14
N ALA B 206 3.00 13.31 -14.39
CA ALA B 206 2.74 12.77 -15.75
C ALA B 206 2.14 13.87 -16.63
N SER B 207 1.36 14.81 -16.09
CA SER B 207 0.70 15.90 -16.85
C SER B 207 1.41 17.23 -16.59
N SER B 208 2.55 17.19 -15.89
CA SER B 208 3.38 18.37 -15.52
C SER B 208 2.48 19.44 -14.88
N THR B 209 1.53 19.03 -14.04
CA THR B 209 0.61 19.98 -13.36
C THR B 209 1.00 20.09 -11.89
N LYS B 210 0.87 21.32 -11.40
CA LYS B 210 0.99 21.64 -9.95
C LYS B 210 -0.12 22.64 -9.65
N VAL B 211 -0.87 22.38 -8.59
CA VAL B 211 -2.04 23.24 -8.24
C VAL B 211 -1.93 23.52 -6.75
N ASP B 212 -2.12 24.78 -6.36
CA ASP B 212 -2.33 25.16 -4.95
C ASP B 212 -3.80 25.58 -4.80
N LYS B 213 -4.50 24.96 -3.86
CA LYS B 213 -5.93 25.30 -3.59
C LYS B 213 -6.05 25.69 -2.11
N LYS B 214 -6.28 26.98 -1.86
CA LYS B 214 -6.60 27.46 -0.49
C LYS B 214 -7.94 26.84 -0.09
N ILE B 215 -8.05 26.43 1.18
CA ILE B 215 -9.35 25.97 1.76
C ILE B 215 -10.01 27.19 2.39
N VAL B 216 -10.97 27.78 1.67
CA VAL B 216 -11.66 29.03 2.09
C VAL B 216 -12.98 28.62 2.74
N PRO B 217 -13.31 29.17 3.93
CA PRO B 217 -14.60 28.86 4.57
C PRO B 217 -15.74 29.18 3.61
N ARG B 218 -16.79 28.34 3.60
CA ARG B 218 -18.00 28.56 2.76
C ARG B 218 -18.80 29.74 3.34
N TYR C 1 27.56 -19.63 -2.14
CA TYR C 1 26.14 -20.09 -2.16
C TYR C 1 26.07 -21.54 -1.67
N GLU C 2 25.14 -21.80 -0.76
CA GLU C 2 25.03 -23.14 -0.13
C GLU C 2 24.34 -24.09 -1.10
N VAL C 3 23.26 -23.66 -1.75
CA VAL C 3 22.44 -24.54 -2.62
C VAL C 3 22.18 -23.86 -3.97
N HIS C 4 21.98 -24.71 -4.98
CA HIS C 4 21.52 -24.35 -6.35
C HIS C 4 22.69 -23.82 -7.19
N HIS C 5 23.53 -22.95 -6.64
CA HIS C 5 24.46 -22.10 -7.45
C HIS C 5 25.92 -22.54 -7.25
#